data_8ONJ
#
_entry.id   8ONJ
#
_cell.length_a   60.791
_cell.length_b   88.553
_cell.length_c   100.663
_cell.angle_alpha   90.00
_cell.angle_beta   90.00
_cell.angle_gamma   90.00
#
_symmetry.space_group_name_H-M   'P 21 21 21'
#
loop_
_entity.id
_entity.type
_entity.pdbx_description
1 polymer 'Aminotransferase class IV'
2 non-polymer "PYRIDOXAL-5'-PHOSPHATE"
3 non-polymer DI(HYDROXYETHYL)ETHER
4 water water
#
_entity_poly.entity_id   1
_entity_poly.type   'polypeptide(L)'
_entity_poly.pdbx_seq_one_letter_code
;GHMNLCYIDGKFLPLEEAKLPVTDLIIQRGVGVFETISTHSRRPLMLTPHLKRLEGSATASSIVMPATLDEMARIIREGI
KKMGCETMVLPYITGGDSFGKDHLFSSSRYFVIFEEIRKPDPILYEKGVALHPINAERYLPSTKSINYMLSFTGQRDSKG
AYEILYCPEGEIVEGSHSTFFLIKNGHLITAPTSRALSGTTRQIVLELARRGNIQVEERCPLLTELPEAEEAFITGTVKE
LLPVVRIGDQIIGNGVPGKLTKHLHQVYLSSIVEWLE
;
_entity_poly.pdbx_strand_id   A,B
#
loop_
_chem_comp.id
_chem_comp.type
_chem_comp.name
_chem_comp.formula
PEG non-polymer DI(HYDROXYETHYL)ETHER 'C4 H10 O3'
PLP non-polymer PYRIDOXAL-5'-PHOSPHATE 'C8 H10 N O6 P'
#
# COMPACT_ATOMS: atom_id res chain seq x y z
N GLY A 1 -17.75 18.71 -20.12
CA GLY A 1 -18.99 17.86 -20.18
C GLY A 1 -18.64 16.49 -19.64
N HIS A 2 -19.62 15.55 -19.73
CA HIS A 2 -19.60 14.05 -19.78
C HIS A 2 -18.26 13.39 -20.16
N MET A 3 -17.34 14.03 -20.89
CA MET A 3 -15.95 13.50 -20.95
C MET A 3 -15.38 13.48 -19.50
N ASN A 4 -14.57 12.51 -19.15
CA ASN A 4 -13.95 12.45 -17.79
C ASN A 4 -12.93 13.56 -17.65
N LEU A 5 -12.82 14.11 -16.45
CA LEU A 5 -11.94 15.26 -16.18
C LEU A 5 -10.99 14.92 -15.05
N CYS A 6 -9.96 15.73 -14.98
CA CYS A 6 -9.03 15.75 -13.84
C CYS A 6 -8.62 17.18 -13.58
N TYR A 7 -8.89 17.65 -12.38
CA TYR A 7 -8.36 18.94 -11.89
C TYR A 7 -6.97 18.72 -11.35
N ILE A 8 -5.99 19.39 -11.94
CA ILE A 8 -4.57 19.30 -11.51
C ILE A 8 -3.88 20.61 -11.89
N ASP A 9 -3.06 21.16 -11.01
CA ASP A 9 -2.26 22.39 -11.29
C ASP A 9 -3.17 23.51 -11.72
N GLY A 10 -4.26 23.71 -11.00
CA GLY A 10 -5.15 24.85 -11.21
C GLY A 10 -6.05 24.75 -12.42
N LYS A 11 -6.08 23.63 -13.15
CA LYS A 11 -6.84 23.56 -14.42
C LYS A 11 -7.67 22.27 -14.43
N PHE A 12 -8.84 22.32 -15.02
CA PHE A 12 -9.61 21.12 -15.39
C PHE A 12 -9.10 20.60 -16.73
N LEU A 13 -8.47 19.44 -16.75
CA LEU A 13 -7.98 18.77 -17.97
C LEU A 13 -8.86 17.60 -18.31
N PRO A 14 -8.91 17.18 -19.59
CA PRO A 14 -9.40 15.85 -19.94
C PRO A 14 -8.59 14.84 -19.12
N LEU A 15 -9.28 13.85 -18.55
CA LEU A 15 -8.65 12.88 -17.62
C LEU A 15 -7.41 12.24 -18.25
N GLU A 16 -7.48 11.89 -19.53
CA GLU A 16 -6.38 11.22 -20.26
C GLU A 16 -5.14 12.11 -20.35
N GLU A 17 -5.24 13.43 -20.20
CA GLU A 17 -4.07 14.35 -20.36
C GLU A 17 -3.38 14.59 -19.01
N ALA A 18 -3.98 14.21 -17.89
CA ALA A 18 -3.47 14.56 -16.55
C ALA A 18 -2.31 13.62 -16.18
N LYS A 19 -1.18 14.21 -15.78
CA LYS A 19 0.01 13.43 -15.40
C LYS A 19 0.61 13.98 -14.11
N LEU A 20 1.31 13.10 -13.39
CA LEU A 20 1.92 13.41 -12.09
C LEU A 20 3.40 13.11 -12.17
N PRO A 21 4.29 13.97 -11.61
CA PRO A 21 5.73 13.70 -11.62
C PRO A 21 6.09 12.36 -10.95
N VAL A 22 6.99 11.58 -11.57
CA VAL A 22 7.43 10.28 -11.01
C VAL A 22 8.24 10.52 -9.73
N THR A 23 8.66 11.74 -9.44
CA THR A 23 9.34 12.07 -8.16
C THR A 23 8.34 11.94 -7.01
N ASP A 24 7.02 12.00 -7.30
CA ASP A 24 6.03 12.02 -6.19
C ASP A 24 6.11 10.69 -5.44
N LEU A 25 6.14 10.75 -4.11
CA LEU A 25 6.18 9.56 -3.24
C LEU A 25 4.85 8.83 -3.23
N ILE A 26 3.79 9.37 -3.84
CA ILE A 26 2.62 8.47 -4.08
C ILE A 26 3.04 7.33 -5.02
N ILE A 27 3.78 7.64 -6.09
CA ILE A 27 4.25 6.63 -7.08
C ILE A 27 5.37 5.77 -6.47
N GLN A 28 6.38 6.39 -5.86
CA GLN A 28 7.60 5.67 -5.43
C GLN A 28 7.37 4.85 -4.16
N ARG A 29 6.48 5.30 -3.26
CA ARG A 29 6.35 4.75 -1.92
C ARG A 29 4.90 4.64 -1.48
N GLY A 30 3.93 4.74 -2.41
CA GLY A 30 2.53 4.49 -2.02
C GLY A 30 1.99 5.54 -1.04
N VAL A 31 2.60 6.72 -0.97
CA VAL A 31 2.18 7.79 -0.03
C VAL A 31 1.08 8.62 -0.70
N GLY A 32 -0.13 8.30 -0.33
CA GLY A 32 -1.34 8.91 -0.91
C GLY A 32 -2.59 8.52 -0.14
N VAL A 33 -3.51 9.47 -0.05
CA VAL A 33 -4.87 9.23 0.50
C VAL A 33 -5.86 9.77 -0.51
N PHE A 34 -7.10 9.31 -0.42
CA PHE A 34 -8.12 9.76 -1.37
C PHE A 34 -9.49 9.55 -0.76
N GLU A 35 -10.48 10.06 -1.46
CA GLU A 35 -11.90 9.86 -1.19
C GLU A 35 -12.60 9.42 -2.46
N THR A 36 -13.70 8.73 -2.29
CA THR A 36 -14.71 8.49 -3.33
C THR A 36 -15.99 9.22 -2.93
N ILE A 37 -16.37 10.20 -3.75
CA ILE A 37 -17.60 11.02 -3.57
C ILE A 37 -18.51 10.73 -4.75
N SER A 38 -19.77 10.47 -4.50
CA SER A 38 -20.71 10.24 -5.61
C SER A 38 -21.87 11.23 -5.50
N THR A 39 -22.66 11.31 -6.56
CA THR A 39 -23.80 12.24 -6.66
C THR A 39 -25.10 11.43 -6.72
N HIS A 40 -26.14 12.05 -6.22
CA HIS A 40 -27.55 11.75 -6.55
C HIS A 40 -28.17 13.06 -6.98
N SER A 41 -28.96 13.04 -8.05
CA SER A 41 -29.52 14.24 -8.71
C SER A 41 -28.40 15.26 -9.02
N ARG A 42 -27.18 14.80 -9.32
CA ARG A 42 -25.99 15.68 -9.59
C ARG A 42 -25.61 16.51 -8.36
N ARG A 43 -25.98 16.10 -7.15
CA ARG A 43 -25.52 16.78 -5.92
C ARG A 43 -24.56 15.86 -5.18
N PRO A 44 -23.44 16.37 -4.61
CA PRO A 44 -22.49 15.49 -3.91
C PRO A 44 -23.10 15.00 -2.60
N LEU A 45 -23.04 13.69 -2.38
CA LEU A 45 -23.51 13.01 -1.17
C LEU A 45 -22.43 13.09 -0.10
N MET A 46 -22.80 13.55 1.10
CA MET A 46 -21.89 13.58 2.27
C MET A 46 -20.58 14.29 1.90
N LEU A 47 -20.62 15.38 1.14
CA LEU A 47 -19.41 16.09 0.70
C LEU A 47 -18.57 16.45 1.95
N THR A 48 -19.17 17.07 2.96
CA THR A 48 -18.37 17.61 4.09
C THR A 48 -17.78 16.46 4.88
N PRO A 49 -18.55 15.41 5.25
CA PRO A 49 -18.00 14.23 5.90
C PRO A 49 -16.84 13.61 5.09
N HIS A 50 -16.98 13.53 3.77
CA HIS A 50 -15.88 12.97 2.96
C HIS A 50 -14.64 13.86 3.08
N LEU A 51 -14.80 15.18 2.98
CA LEU A 51 -13.63 16.08 2.96
C LEU A 51 -12.99 16.11 4.34
N LYS A 52 -13.77 16.02 5.42
CA LYS A 52 -13.20 15.87 6.78
C LYS A 52 -12.41 14.56 6.86
N ARG A 53 -12.92 13.49 6.31
CA ARG A 53 -12.22 12.18 6.31
C ARG A 53 -10.92 12.29 5.49
N LEU A 54 -10.92 13.00 4.38
CA LEU A 54 -9.71 13.23 3.57
C LEU A 54 -8.63 13.91 4.41
N GLU A 55 -9.02 14.94 5.12
CA GLU A 55 -8.04 15.68 5.95
C GLU A 55 -7.55 14.77 7.08
N GLY A 56 -8.45 13.97 7.67
CA GLY A 56 -8.10 12.96 8.68
C GLY A 56 -7.09 11.96 8.14
N SER A 57 -7.32 11.47 6.94
CA SER A 57 -6.40 10.49 6.32
C SER A 57 -5.03 11.15 6.11
N ALA A 58 -5.01 12.34 5.54
CA ALA A 58 -3.76 13.09 5.28
C ALA A 58 -2.99 13.23 6.60
N THR A 59 -3.62 13.82 7.60
CA THR A 59 -3.03 14.09 8.95
C THR A 59 -2.50 12.82 9.60
N ALA A 60 -3.27 11.73 9.59
CA ALA A 60 -2.86 10.42 10.13
C ALA A 60 -1.65 9.90 9.35
N SER A 61 -1.45 10.34 8.11
CA SER A 61 -0.35 9.82 7.24
C SER A 61 0.84 10.80 7.26
N SER A 62 0.79 11.86 8.08
CA SER A 62 1.85 12.89 8.16
C SER A 62 1.94 13.71 6.88
N ILE A 63 0.83 13.82 6.13
CA ILE A 63 0.79 14.67 4.92
C ILE A 63 0.13 16.01 5.32
N VAL A 64 0.81 17.10 5.01
CA VAL A 64 0.29 18.49 5.15
C VAL A 64 -0.67 18.73 4.00
N MET A 65 -1.90 19.08 4.30
CA MET A 65 -2.90 19.32 3.25
C MET A 65 -2.36 20.39 2.31
N PRO A 66 -2.41 20.15 1.00
CA PRO A 66 -1.89 21.11 0.02
C PRO A 66 -2.92 22.18 -0.41
N ALA A 67 -4.17 22.02 0.01
CA ALA A 67 -5.26 23.00 -0.21
C ALA A 67 -6.16 22.96 1.01
N THR A 68 -6.92 24.02 1.23
CA THR A 68 -7.93 24.05 2.31
C THR A 68 -9.12 23.17 1.92
N LEU A 69 -9.90 22.69 2.87
CA LEU A 69 -11.13 21.93 2.56
C LEU A 69 -12.14 22.81 1.81
N ASP A 70 -12.18 24.11 2.12
CA ASP A 70 -13.03 25.06 1.37
C ASP A 70 -12.61 25.05 -0.11
N GLU A 71 -11.33 25.06 -0.41
CA GLU A 71 -10.86 25.03 -1.82
C GLU A 71 -11.17 23.68 -2.45
N MET A 72 -11.02 22.57 -1.71
CA MET A 72 -11.34 21.26 -2.32
C MET A 72 -12.84 21.21 -2.67
N ALA A 73 -13.70 21.70 -1.76
CA ALA A 73 -15.16 21.79 -1.96
C ALA A 73 -15.48 22.61 -3.22
N ARG A 74 -14.79 23.73 -3.39
CA ARG A 74 -14.98 24.64 -4.58
C ARG A 74 -14.66 23.88 -5.86
N ILE A 75 -13.50 23.22 -5.89
CA ILE A 75 -13.04 22.41 -7.06
C ILE A 75 -14.06 21.31 -7.35
N ILE A 76 -14.48 20.59 -6.33
CA ILE A 76 -15.40 19.43 -6.50
C ILE A 76 -16.72 19.97 -7.07
N ARG A 77 -17.27 21.02 -6.49
CA ARG A 77 -18.56 21.56 -7.04
C ARG A 77 -18.39 22.03 -8.50
N GLU A 78 -17.32 22.75 -8.83
CA GLU A 78 -17.11 23.28 -10.21
C GLU A 78 -17.00 22.09 -11.18
N GLY A 79 -16.32 21.03 -10.79
CA GLY A 79 -16.15 19.83 -11.62
C GLY A 79 -17.45 19.12 -11.86
N ILE A 80 -18.26 18.94 -10.81
CA ILE A 80 -19.60 18.30 -10.96
C ILE A 80 -20.45 19.15 -11.93
N LYS A 81 -20.43 20.47 -11.83
CA LYS A 81 -21.15 21.43 -12.73
C LYS A 81 -20.66 21.15 -14.15
N LYS A 82 -19.35 20.96 -14.36
CA LYS A 82 -18.78 20.71 -15.71
C LYS A 82 -19.26 19.36 -16.25
N MET A 83 -19.42 18.34 -15.40
CA MET A 83 -19.85 17.00 -15.89
C MET A 83 -21.32 17.07 -16.33
N GLY A 84 -22.13 17.81 -15.59
CA GLY A 84 -23.59 17.92 -15.81
C GLY A 84 -24.27 16.58 -15.89
N CYS A 85 -23.76 15.54 -15.24
CA CYS A 85 -24.37 14.20 -15.13
C CYS A 85 -24.00 13.59 -13.76
N GLU A 86 -24.51 12.42 -13.42
CA GLU A 86 -24.17 11.74 -12.13
C GLU A 86 -22.69 11.41 -12.22
N THR A 87 -21.96 11.78 -11.17
CA THR A 87 -20.48 11.82 -11.18
C THR A 87 -19.93 11.05 -9.98
N MET A 88 -18.83 10.35 -10.24
CA MET A 88 -17.93 9.82 -9.20
C MET A 88 -16.72 10.76 -9.14
N VAL A 89 -16.43 11.30 -7.98
CA VAL A 89 -15.38 12.33 -7.81
C VAL A 89 -14.32 11.72 -6.93
N LEU A 90 -13.06 11.73 -7.35
CA LEU A 90 -11.98 11.10 -6.57
C LEU A 90 -10.91 12.15 -6.30
N PRO A 91 -10.94 12.83 -5.15
CA PRO A 91 -9.82 13.69 -4.77
C PRO A 91 -8.69 12.83 -4.22
N TYR A 92 -7.48 13.13 -4.66
CA TYR A 92 -6.22 12.47 -4.22
CA TYR A 92 -6.22 12.48 -4.21
C TYR A 92 -5.29 13.54 -3.60
N ILE A 93 -4.75 13.20 -2.45
CA ILE A 93 -3.68 13.97 -1.79
C ILE A 93 -2.44 13.09 -1.85
N THR A 94 -1.39 13.61 -2.43
CA THR A 94 -0.13 12.83 -2.62
C THR A 94 0.90 13.23 -1.58
N GLY A 95 1.87 12.36 -1.35
CA GLY A 95 3.00 12.70 -0.45
C GLY A 95 3.85 13.81 -0.99
N GLY A 96 3.92 13.98 -2.31
CA GLY A 96 4.86 14.91 -2.89
C GLY A 96 6.27 14.33 -2.84
N ASP A 97 7.26 15.17 -3.10
CA ASP A 97 8.61 14.70 -3.48
C ASP A 97 9.46 14.37 -2.24
N SER A 98 9.12 14.84 -1.05
CA SER A 98 10.02 14.56 0.11
C SER A 98 9.32 14.42 1.43
N PHE A 99 9.93 13.60 2.26
CA PHE A 99 9.59 13.42 3.69
C PHE A 99 10.65 14.21 4.45
N GLY A 100 10.27 15.29 5.12
CA GLY A 100 11.19 16.22 5.80
C GLY A 100 11.82 15.63 7.07
N LYS A 101 12.82 16.33 7.61
CA LYS A 101 13.46 16.05 8.90
C LYS A 101 12.43 16.27 10.02
N ASP A 102 11.37 17.08 9.78
CA ASP A 102 10.21 17.18 10.69
C ASP A 102 9.25 15.97 10.57
N HIS A 103 9.59 14.93 9.80
CA HIS A 103 8.75 13.71 9.64
C HIS A 103 7.35 14.09 9.13
N LEU A 104 7.26 15.11 8.27
CA LEU A 104 6.03 15.47 7.50
C LEU A 104 6.30 15.43 5.99
N PHE A 105 5.27 15.18 5.20
CA PHE A 105 5.29 15.41 3.74
C PHE A 105 4.72 16.81 3.56
N SER A 106 5.58 17.77 3.30
CA SER A 106 5.21 19.19 3.30
C SER A 106 5.12 19.75 1.90
N SER A 107 5.37 18.98 0.84
CA SER A 107 5.18 19.46 -0.55
C SER A 107 4.21 18.53 -1.28
N SER A 108 3.14 18.17 -0.57
CA SER A 108 2.03 17.35 -1.11
CA SER A 108 2.03 17.35 -1.11
C SER A 108 1.49 17.94 -2.42
N ARG A 109 1.06 17.08 -3.34
CA ARG A 109 0.28 17.50 -4.54
C ARG A 109 -1.16 17.05 -4.37
N TYR A 110 -2.03 17.57 -5.21
CA TYR A 110 -3.41 17.06 -5.21
C TYR A 110 -3.96 17.13 -6.59
N PHE A 111 -4.90 16.25 -6.82
CA PHE A 111 -5.68 16.30 -8.06
C PHE A 111 -7.03 15.68 -7.77
N VAL A 112 -7.99 15.99 -8.63
CA VAL A 112 -9.37 15.46 -8.43
C VAL A 112 -9.88 14.92 -9.76
N ILE A 113 -10.20 13.64 -9.77
CA ILE A 113 -10.77 12.93 -10.94
C ILE A 113 -12.26 13.04 -10.92
N PHE A 114 -12.86 13.34 -12.08
CA PHE A 114 -14.31 13.33 -12.27
C PHE A 114 -14.65 12.34 -13.38
N GLU A 115 -15.42 11.33 -13.04
CA GLU A 115 -15.87 10.29 -13.99
C GLU A 115 -17.37 10.11 -13.93
N GLU A 116 -17.95 9.73 -15.04
CA GLU A 116 -19.36 9.31 -15.08
C GLU A 116 -19.48 8.15 -14.10
N ILE A 117 -20.47 8.21 -13.24
CA ILE A 117 -20.64 7.16 -12.19
C ILE A 117 -20.92 5.80 -12.85
N ARG A 118 -20.40 4.73 -12.27
CA ARG A 118 -20.58 3.34 -12.73
C ARG A 118 -21.10 2.55 -11.53
N LYS A 119 -22.42 2.55 -11.31
CA LYS A 119 -23.10 1.76 -10.25
C LYS A 119 -22.95 0.28 -10.59
N PRO A 120 -22.89 -0.61 -9.60
CA PRO A 120 -22.85 -2.04 -9.90
C PRO A 120 -24.07 -2.43 -10.76
N ASP A 121 -23.90 -3.46 -11.58
CA ASP A 121 -24.94 -3.98 -12.51
C ASP A 121 -26.19 -4.27 -11.68
N PRO A 122 -27.41 -3.93 -12.17
CA PRO A 122 -28.64 -4.28 -11.45
C PRO A 122 -28.75 -5.75 -11.06
N ILE A 123 -28.09 -6.66 -11.79
CA ILE A 123 -28.15 -8.12 -11.50
C ILE A 123 -27.48 -8.38 -10.14
N LEU A 124 -26.44 -7.60 -9.80
CA LEU A 124 -25.68 -7.84 -8.55
C LEU A 124 -26.57 -7.53 -7.36
N TYR A 125 -27.50 -6.59 -7.47
CA TYR A 125 -28.48 -6.28 -6.40
C TYR A 125 -29.54 -7.38 -6.36
N GLU A 126 -29.89 -7.95 -7.51
CA GLU A 126 -30.89 -9.07 -7.59
C GLU A 126 -30.31 -10.37 -7.00
N LYS A 127 -29.11 -10.75 -7.42
CA LYS A 127 -28.43 -12.02 -7.05
C LYS A 127 -27.54 -11.88 -5.80
N GLY A 128 -27.13 -10.66 -5.43
CA GLY A 128 -26.10 -10.44 -4.39
C GLY A 128 -24.74 -10.89 -4.87
N VAL A 129 -23.70 -10.66 -4.06
CA VAL A 129 -22.30 -10.97 -4.49
C VAL A 129 -21.67 -11.90 -3.48
N ALA A 130 -20.54 -12.44 -3.86
CA ALA A 130 -19.64 -13.26 -3.03
C ALA A 130 -18.44 -12.43 -2.59
N LEU A 131 -17.96 -12.70 -1.38
CA LEU A 131 -16.73 -12.06 -0.85
C LEU A 131 -15.71 -13.15 -0.58
N HIS A 132 -14.44 -12.81 -0.65
CA HIS A 132 -13.30 -13.72 -0.39
C HIS A 132 -12.61 -13.32 0.91
N PRO A 133 -12.74 -14.12 1.97
CA PRO A 133 -12.12 -13.79 3.26
C PRO A 133 -10.62 -14.07 3.23
N ILE A 134 -9.86 -13.15 3.82
CA ILE A 134 -8.40 -13.35 4.00
C ILE A 134 -8.07 -13.13 5.48
N ASN A 135 -7.01 -13.76 5.91
CA ASN A 135 -6.54 -13.64 7.32
C ASN A 135 -5.51 -12.53 7.36
N ALA A 136 -5.97 -11.28 7.30
CA ALA A 136 -5.14 -10.06 7.21
C ALA A 136 -5.98 -8.89 7.72
N GLU A 137 -5.35 -7.77 8.08
CA GLU A 137 -6.11 -6.57 8.45
C GLU A 137 -5.51 -5.37 7.78
N ARG A 138 -6.31 -4.32 7.67
CA ARG A 138 -5.86 -2.95 7.33
C ARG A 138 -5.26 -2.38 8.62
N TYR A 139 -4.00 -2.06 8.57
CA TYR A 139 -3.34 -1.20 9.58
C TYR A 139 -3.75 0.25 9.27
N LEU A 140 -3.78 1.13 10.28
CA LEU A 140 -4.18 2.55 10.08
C LEU A 140 -5.60 2.58 9.51
N PRO A 141 -6.54 1.88 10.15
CA PRO A 141 -7.82 1.59 9.51
C PRO A 141 -8.73 2.84 9.44
N SER A 142 -8.41 3.92 10.14
CA SER A 142 -9.18 5.17 9.99
C SER A 142 -8.72 5.91 8.73
N THR A 143 -7.58 5.54 8.13
CA THR A 143 -6.99 6.25 6.96
C THR A 143 -7.48 5.60 5.66
N LYS A 144 -7.96 6.40 4.70
CA LYS A 144 -8.35 5.87 3.37
C LYS A 144 -7.18 6.06 2.44
N SER A 145 -6.25 5.12 2.50
CA SER A 145 -4.99 5.20 1.71
C SER A 145 -5.21 4.58 0.33
N ILE A 146 -4.29 4.84 -0.60
CA ILE A 146 -4.36 4.36 -2.00
C ILE A 146 -3.91 2.90 -2.07
N ASN A 147 -3.39 2.32 -1.00
CA ASN A 147 -2.82 0.95 -1.08
C ASN A 147 -3.94 -0.12 -1.15
N TYR A 148 -4.15 -0.65 -2.34
CA TYR A 148 -5.15 -1.72 -2.61
C TYR A 148 -4.51 -2.96 -3.23
N MET A 149 -3.22 -3.17 -3.05
CA MET A 149 -2.54 -4.28 -3.78
C MET A 149 -3.19 -5.62 -3.41
N LEU A 150 -3.39 -5.89 -2.12
CA LEU A 150 -3.99 -7.14 -1.57
C LEU A 150 -5.38 -7.39 -2.18
N SER A 151 -6.11 -6.33 -2.53
CA SER A 151 -7.47 -6.44 -3.12
C SER A 151 -7.40 -7.10 -4.52
N PHE A 152 -6.27 -7.03 -5.22
CA PHE A 152 -6.13 -7.50 -6.63
C PHE A 152 -5.43 -8.84 -6.70
N THR A 153 -4.34 -9.02 -5.95
CA THR A 153 -3.51 -10.25 -5.91
C THR A 153 -4.35 -11.33 -5.22
N GLY A 154 -5.29 -10.90 -4.35
CA GLY A 154 -6.30 -11.73 -3.65
C GLY A 154 -7.51 -12.05 -4.54
N GLN A 155 -7.39 -11.81 -5.85
CA GLN A 155 -8.20 -12.42 -6.94
C GLN A 155 -7.31 -13.27 -7.86
N ARG A 156 -6.01 -13.38 -7.55
CA ARG A 156 -5.06 -14.32 -8.22
C ARG A 156 -5.60 -15.74 -7.94
N ASP A 157 -5.66 -16.10 -6.66
CA ASP A 157 -6.23 -17.38 -6.15
C ASP A 157 -7.73 -17.44 -6.45
N SER A 158 -8.51 -16.45 -5.97
CA SER A 158 -9.98 -16.51 -5.75
C SER A 158 -10.77 -16.63 -7.06
N LYS A 159 -11.71 -17.58 -7.09
CA LYS A 159 -12.70 -17.77 -8.18
C LYS A 159 -13.87 -16.80 -7.93
N GLY A 160 -13.76 -15.55 -8.39
CA GLY A 160 -14.91 -14.72 -8.74
C GLY A 160 -15.60 -14.09 -7.55
N ALA A 161 -14.85 -13.64 -6.55
CA ALA A 161 -15.45 -12.83 -5.46
C ALA A 161 -15.50 -11.38 -5.92
N TYR A 162 -16.55 -10.66 -5.56
CA TYR A 162 -16.70 -9.24 -5.90
C TYR A 162 -15.59 -8.45 -5.19
N GLU A 163 -15.21 -8.88 -3.98
CA GLU A 163 -14.35 -8.09 -3.10
C GLU A 163 -13.71 -8.99 -2.07
N ILE A 164 -12.50 -8.65 -1.60
CA ILE A 164 -11.88 -9.33 -0.43
C ILE A 164 -12.53 -8.81 0.86
N LEU A 165 -12.49 -9.64 1.89
CA LEU A 165 -13.01 -9.34 3.23
C LEU A 165 -11.88 -9.58 4.24
N TYR A 166 -11.45 -8.54 4.95
CA TYR A 166 -10.37 -8.65 5.95
C TYR A 166 -10.98 -9.34 7.18
N CYS A 167 -10.53 -10.54 7.46
CA CYS A 167 -11.04 -11.39 8.56
C CYS A 167 -9.88 -11.83 9.45
N PRO A 168 -9.09 -10.91 10.01
CA PRO A 168 -7.93 -11.31 10.82
C PRO A 168 -8.33 -12.26 11.97
N GLU A 169 -7.71 -13.43 12.00
CA GLU A 169 -7.99 -14.49 13.04
C GLU A 169 -9.50 -14.79 13.10
N GLY A 170 -10.24 -14.64 12.01
CA GLY A 170 -11.65 -15.10 11.96
C GLY A 170 -12.61 -14.01 12.39
N GLU A 171 -12.11 -12.82 12.73
CA GLU A 171 -12.95 -11.65 13.07
C GLU A 171 -13.19 -10.82 11.81
N ILE A 172 -14.43 -10.71 11.38
CA ILE A 172 -14.72 -9.96 10.13
C ILE A 172 -14.56 -8.48 10.46
N VAL A 173 -13.73 -7.75 9.73
CA VAL A 173 -13.67 -6.29 9.89
C VAL A 173 -14.43 -5.60 8.75
N GLU A 174 -13.88 -5.61 7.55
CA GLU A 174 -14.55 -4.94 6.41
C GLU A 174 -13.94 -5.41 5.09
N GLY A 175 -14.52 -4.92 3.99
CA GLY A 175 -13.98 -5.18 2.65
C GLY A 175 -12.88 -4.21 2.31
N SER A 176 -12.27 -4.35 1.14
CA SER A 176 -11.18 -3.44 0.72
C SER A 176 -11.75 -2.06 0.39
N HIS A 177 -12.97 -1.96 -0.13
CA HIS A 177 -13.57 -0.62 -0.41
C HIS A 177 -14.97 -0.53 0.19
N SER A 178 -15.34 -1.40 1.14
CA SER A 178 -16.74 -1.52 1.61
C SER A 178 -16.82 -1.81 3.09
N THR A 179 -17.77 -1.18 3.77
CA THR A 179 -18.20 -1.61 5.12
C THR A 179 -18.94 -2.95 4.99
N PHE A 180 -18.76 -3.85 5.95
CA PHE A 180 -19.51 -5.12 5.98
C PHE A 180 -20.52 -5.14 7.12
N PHE A 181 -21.76 -5.53 6.79
CA PHE A 181 -22.88 -5.72 7.74
C PHE A 181 -23.35 -7.16 7.72
N LEU A 182 -23.53 -7.75 8.92
CA LEU A 182 -24.19 -9.07 9.09
C LEU A 182 -25.57 -8.82 9.69
N ILE A 183 -26.54 -9.61 9.29
CA ILE A 183 -27.91 -9.61 9.88
C ILE A 183 -28.14 -10.99 10.52
N LYS A 184 -28.42 -10.94 11.82
CA LYS A 184 -28.67 -12.12 12.68
C LYS A 184 -29.86 -11.82 13.56
N ASN A 185 -30.94 -12.62 13.49
CA ASN A 185 -32.15 -12.38 14.33
C ASN A 185 -32.69 -10.97 14.14
N GLY A 186 -32.78 -10.45 12.92
CA GLY A 186 -33.32 -9.10 12.68
C GLY A 186 -32.44 -7.99 13.22
N HIS A 187 -31.20 -8.24 13.68
CA HIS A 187 -30.34 -7.11 14.14
C HIS A 187 -29.08 -6.99 13.26
N LEU A 188 -28.56 -5.77 13.17
CA LEU A 188 -27.37 -5.46 12.33
C LEU A 188 -26.12 -5.66 13.21
N ILE A 189 -25.13 -6.38 12.69
CA ILE A 189 -23.78 -6.46 13.31
C ILE A 189 -22.73 -5.86 12.37
N THR A 190 -21.90 -4.94 12.82
CA THR A 190 -20.81 -4.37 11.97
C THR A 190 -19.63 -3.99 12.85
N ALA A 191 -18.44 -4.18 12.33
CA ALA A 191 -17.19 -3.89 13.05
C ALA A 191 -17.22 -2.43 13.55
N PRO A 192 -16.68 -2.20 14.77
CA PRO A 192 -16.55 -0.84 15.27
C PRO A 192 -15.44 -0.10 14.50
N THR A 193 -15.51 1.20 14.47
CA THR A 193 -14.57 2.06 13.71
C THR A 193 -13.23 2.18 14.44
N SER A 194 -13.07 1.56 15.62
CA SER A 194 -11.72 1.27 16.19
C SER A 194 -11.00 0.32 15.22
N ARG A 195 -11.73 -0.51 14.43
CA ARG A 195 -11.10 -1.51 13.53
C ARG A 195 -11.36 -1.19 12.04
N ALA A 196 -12.54 -0.69 11.72
CA ALA A 196 -13.03 -0.46 10.34
C ALA A 196 -13.00 1.05 10.01
N LEU A 197 -12.80 1.37 8.73
CA LEU A 197 -12.95 2.74 8.24
C LEU A 197 -14.30 3.28 8.65
N SER A 198 -14.34 4.56 8.98
CA SER A 198 -15.61 5.23 9.32
C SER A 198 -16.38 5.52 8.02
N GLY A 199 -17.03 4.51 7.45
CA GLY A 199 -17.80 4.68 6.22
C GLY A 199 -18.88 5.77 6.32
N THR A 200 -19.06 6.57 5.26
CA THR A 200 -20.17 7.55 5.21
C THR A 200 -21.47 6.81 4.97
N THR A 201 -21.46 5.74 4.15
CA THR A 201 -22.65 4.92 3.86
C THR A 201 -23.03 4.18 5.17
N ARG A 202 -22.03 3.59 5.80
CA ARG A 202 -22.12 2.99 7.16
C ARG A 202 -22.84 3.95 8.10
N GLN A 203 -22.38 5.19 8.19
CA GLN A 203 -22.97 6.20 9.12
CA GLN A 203 -22.97 6.22 9.10
C GLN A 203 -24.46 6.36 8.80
N ILE A 204 -24.83 6.52 7.53
CA ILE A 204 -26.24 6.75 7.11
C ILE A 204 -27.10 5.53 7.47
N VAL A 205 -26.58 4.33 7.23
CA VAL A 205 -27.25 3.05 7.54
C VAL A 205 -27.48 2.97 9.07
N LEU A 206 -26.51 3.29 9.91
CA LEU A 206 -26.71 3.28 11.37
C LEU A 206 -27.78 4.33 11.73
N GLU A 207 -27.79 5.50 11.10
CA GLU A 207 -28.84 6.55 11.33
C GLU A 207 -30.20 5.94 10.97
N LEU A 208 -30.32 5.27 9.81
CA LEU A 208 -31.59 4.65 9.37
C LEU A 208 -32.00 3.55 10.36
N ALA A 209 -31.07 2.70 10.81
CA ALA A 209 -31.36 1.67 11.81
C ALA A 209 -31.91 2.33 13.09
N ARG A 210 -31.28 3.40 13.60
CA ARG A 210 -31.73 4.16 14.81
C ARG A 210 -33.18 4.63 14.60
N ARG A 211 -33.50 5.19 13.43
CA ARG A 211 -34.87 5.62 13.05
C ARG A 211 -35.83 4.44 12.99
N GLY A 212 -35.37 3.30 12.50
CA GLY A 212 -36.19 2.09 12.34
C GLY A 212 -36.26 1.25 13.61
N ASN A 213 -35.67 1.73 14.73
CA ASN A 213 -35.48 0.93 15.98
C ASN A 213 -34.89 -0.44 15.66
N ILE A 214 -33.93 -0.53 14.73
CA ILE A 214 -33.20 -1.79 14.39
C ILE A 214 -31.95 -1.81 15.26
N GLN A 215 -31.79 -2.83 16.08
CA GLN A 215 -30.62 -2.98 16.98
C GLN A 215 -29.36 -3.08 16.11
N VAL A 216 -28.33 -2.34 16.50
CA VAL A 216 -27.00 -2.46 15.88
C VAL A 216 -26.03 -2.93 16.97
N GLU A 217 -25.28 -3.98 16.70
CA GLU A 217 -24.12 -4.35 17.53
C GLU A 217 -22.87 -3.95 16.77
N GLU A 218 -22.09 -3.05 17.35
CA GLU A 218 -20.80 -2.64 16.80
C GLU A 218 -19.78 -3.58 17.39
N ARG A 219 -19.66 -4.75 16.77
CA ARG A 219 -18.63 -5.74 17.09
C ARG A 219 -18.30 -6.43 15.78
N CYS A 220 -17.10 -7.00 15.70
CA CYS A 220 -16.70 -7.78 14.51
C CYS A 220 -17.55 -9.04 14.47
N PRO A 221 -18.38 -9.24 13.43
CA PRO A 221 -19.01 -10.53 13.23
C PRO A 221 -17.90 -11.57 13.00
N LEU A 222 -18.15 -12.81 13.40
CA LEU A 222 -17.16 -13.91 13.32
C LEU A 222 -17.51 -14.80 12.12
N LEU A 223 -16.48 -15.30 11.46
CA LEU A 223 -16.70 -16.29 10.36
C LEU A 223 -17.53 -17.46 10.90
N THR A 224 -17.31 -17.83 12.17
CA THR A 224 -17.96 -19.01 12.80
C THR A 224 -19.44 -18.72 12.99
N GLU A 225 -19.86 -17.45 12.97
CA GLU A 225 -21.28 -17.05 13.16
C GLU A 225 -22.05 -17.11 11.84
N LEU A 226 -21.37 -17.23 10.70
CA LEU A 226 -22.06 -17.03 9.40
C LEU A 226 -23.16 -18.08 9.19
N PRO A 227 -22.98 -19.35 9.59
CA PRO A 227 -24.07 -20.35 9.39
C PRO A 227 -25.39 -19.96 10.06
N GLU A 228 -25.40 -19.18 11.13
CA GLU A 228 -26.67 -18.77 11.82
C GLU A 228 -27.15 -17.39 11.36
N ALA A 229 -26.50 -16.77 10.36
CA ALA A 229 -26.92 -15.46 9.80
C ALA A 229 -28.07 -15.63 8.77
N GLU A 230 -28.98 -14.67 8.76
CA GLU A 230 -30.11 -14.51 7.81
C GLU A 230 -29.60 -13.79 6.55
N GLU A 231 -28.79 -12.73 6.70
CA GLU A 231 -28.41 -11.87 5.53
C GLU A 231 -27.07 -11.16 5.81
N ALA A 232 -26.52 -10.51 4.77
CA ALA A 232 -25.27 -9.73 4.84
C ALA A 232 -25.30 -8.72 3.69
N PHE A 233 -24.59 -7.62 3.85
CA PHE A 233 -24.46 -6.65 2.76
C PHE A 233 -23.21 -5.82 2.99
N ILE A 234 -22.75 -5.20 1.91
CA ILE A 234 -21.60 -4.27 1.97
C ILE A 234 -22.06 -2.91 1.49
N THR A 235 -21.42 -1.85 2.00
CA THR A 235 -21.84 -0.45 1.73
C THR A 235 -20.64 0.35 1.24
N GLY A 236 -20.92 1.37 0.44
CA GLY A 236 -19.92 2.30 -0.14
C GLY A 236 -20.69 3.28 -1.00
N THR A 237 -20.20 4.49 -1.19
CA THR A 237 -21.08 5.59 -1.67
C THR A 237 -21.58 5.26 -3.09
N VAL A 238 -20.78 4.56 -3.89
CA VAL A 238 -21.24 4.22 -5.28
C VAL A 238 -22.19 3.02 -5.23
N LYS A 239 -21.82 1.97 -4.48
CA LYS A 239 -22.57 0.69 -4.46
C LYS A 239 -23.83 0.80 -3.62
N GLU A 240 -23.94 1.78 -2.73
CA GLU A 240 -25.09 1.93 -1.82
C GLU A 240 -25.06 0.76 -0.84
N LEU A 241 -26.11 -0.06 -0.77
CA LEU A 241 -26.15 -1.34 -0.03
C LEU A 241 -26.19 -2.46 -1.06
N LEU A 242 -25.24 -3.35 -1.04
CA LEU A 242 -25.09 -4.44 -2.02
C LEU A 242 -25.16 -5.76 -1.26
N PRO A 243 -26.19 -6.58 -1.51
CA PRO A 243 -26.35 -7.83 -0.77
C PRO A 243 -25.17 -8.77 -0.97
N VAL A 244 -24.84 -9.48 0.11
CA VAL A 244 -23.75 -10.51 0.10
C VAL A 244 -24.40 -11.85 0.39
N VAL A 245 -24.26 -12.81 -0.53
CA VAL A 245 -24.98 -14.10 -0.38
C VAL A 245 -23.98 -15.23 -0.12
N ARG A 246 -22.69 -14.97 -0.15
CA ARG A 246 -21.65 -16.02 0.02
C ARG A 246 -20.38 -15.36 0.53
N ILE A 247 -19.77 -15.99 1.54
CA ILE A 247 -18.42 -15.57 2.02
C ILE A 247 -17.54 -16.82 2.06
N GLY A 248 -16.53 -16.84 1.18
CA GLY A 248 -15.69 -18.01 0.89
C GLY A 248 -16.59 -19.16 0.47
N ASP A 249 -16.60 -20.26 1.21
CA ASP A 249 -17.45 -21.45 0.88
CA ASP A 249 -17.43 -21.47 0.90
C ASP A 249 -18.73 -21.43 1.72
N GLN A 250 -19.00 -20.36 2.46
CA GLN A 250 -20.23 -20.34 3.31
C GLN A 250 -21.34 -19.53 2.62
N ILE A 251 -22.47 -20.18 2.36
CA ILE A 251 -23.69 -19.48 1.88
C ILE A 251 -24.27 -18.71 3.04
N ILE A 252 -24.77 -17.50 2.77
CA ILE A 252 -25.45 -16.66 3.80
C ILE A 252 -26.95 -16.89 3.69
N GLY A 253 -27.59 -17.33 4.78
CA GLY A 253 -29.03 -17.65 4.81
C GLY A 253 -29.39 -18.63 3.68
N ASN A 254 -30.39 -18.34 2.84
CA ASN A 254 -30.67 -19.27 1.71
C ASN A 254 -30.14 -18.72 0.40
N GLY A 255 -29.09 -17.90 0.44
CA GLY A 255 -28.30 -17.58 -0.77
C GLY A 255 -28.99 -16.53 -1.62
N VAL A 256 -30.02 -15.86 -1.12
CA VAL A 256 -30.61 -14.75 -1.90
C VAL A 256 -30.63 -13.52 -1.02
N PRO A 257 -30.63 -12.33 -1.64
CA PRO A 257 -30.76 -11.10 -0.88
C PRO A 257 -31.97 -11.10 0.06
N GLY A 258 -31.80 -10.62 1.27
CA GLY A 258 -32.80 -10.75 2.35
C GLY A 258 -33.70 -9.53 2.48
N LYS A 259 -34.76 -9.72 3.26
CA LYS A 259 -35.82 -8.73 3.50
C LYS A 259 -35.22 -7.45 4.14
N LEU A 260 -34.39 -7.56 5.19
CA LEU A 260 -33.94 -6.35 5.95
C LEU A 260 -32.98 -5.52 5.05
N THR A 261 -32.15 -6.20 4.29
CA THR A 261 -31.22 -5.57 3.30
C THR A 261 -32.02 -4.74 2.28
N LYS A 262 -33.02 -5.34 1.65
CA LYS A 262 -33.84 -4.62 0.65
C LYS A 262 -34.57 -3.44 1.27
N HIS A 263 -35.14 -3.62 2.47
CA HIS A 263 -35.84 -2.54 3.19
C HIS A 263 -34.85 -1.38 3.45
N LEU A 264 -33.64 -1.67 3.96
CA LEU A 264 -32.71 -0.56 4.28
C LEU A 264 -32.26 0.11 2.98
N HIS A 265 -32.10 -0.66 1.92
CA HIS A 265 -31.68 -0.09 0.63
C HIS A 265 -32.79 0.86 0.15
N GLN A 266 -34.05 0.40 0.22
CA GLN A 266 -35.21 1.22 -0.18
C GLN A 266 -35.24 2.49 0.68
N VAL A 267 -35.09 2.39 1.99
CA VAL A 267 -35.19 3.57 2.89
C VAL A 267 -34.04 4.52 2.55
N TYR A 268 -32.85 3.96 2.32
CA TYR A 268 -31.65 4.74 1.92
C TYR A 268 -32.00 5.63 0.71
N LEU A 269 -32.51 5.03 -0.35
CA LEU A 269 -32.79 5.74 -1.63
C LEU A 269 -33.96 6.72 -1.46
N SER A 270 -34.95 6.38 -0.64
CA SER A 270 -36.08 7.29 -0.32
C SER A 270 -35.61 8.49 0.51
N SER A 271 -34.57 8.34 1.33
CA SER A 271 -34.15 9.38 2.29
C SER A 271 -32.93 10.17 1.80
N ILE A 272 -32.33 9.78 0.66
CA ILE A 272 -30.92 10.11 0.35
C ILE A 272 -30.72 11.64 0.33
N VAL A 273 -31.75 12.39 -0.05
CA VAL A 273 -31.60 13.85 -0.29
C VAL A 273 -31.12 14.53 0.99
N GLU A 274 -31.53 14.01 2.15
CA GLU A 274 -31.16 14.55 3.46
C GLU A 274 -29.64 14.73 3.55
N TRP A 275 -28.85 13.87 2.91
CA TRP A 275 -27.37 13.90 3.08
C TRP A 275 -26.64 14.51 1.87
N LEU A 276 -27.37 15.04 0.88
CA LEU A 276 -26.80 15.70 -0.31
C LEU A 276 -26.39 17.12 0.11
N GLU A 277 -25.34 17.63 -0.50
CA GLU A 277 -24.90 19.02 -0.28
C GLU A 277 -24.88 19.73 -1.64
N MET B 3 23.23 15.07 -13.04
CA MET B 3 21.77 15.34 -13.00
C MET B 3 21.02 14.00 -13.02
N ASN B 4 19.98 13.90 -12.21
CA ASN B 4 19.16 12.67 -12.07
C ASN B 4 18.35 12.46 -13.34
N LEU B 5 18.14 11.20 -13.68
CA LEU B 5 17.46 10.83 -14.92
C LEU B 5 16.28 9.92 -14.58
N CYS B 6 15.41 9.84 -15.55
CA CYS B 6 14.34 8.84 -15.61
C CYS B 6 14.16 8.38 -17.04
N TYR B 7 14.30 7.09 -17.24
CA TYR B 7 13.97 6.44 -18.52
C TYR B 7 12.50 6.09 -18.52
N ILE B 8 11.75 6.69 -19.45
CA ILE B 8 10.29 6.44 -19.63
C ILE B 8 9.91 6.69 -21.11
N ASP B 9 9.04 5.84 -21.66
CA ASP B 9 8.54 5.98 -23.06
C ASP B 9 9.73 6.09 -24.01
N GLY B 10 10.71 5.21 -23.84
CA GLY B 10 11.83 5.07 -24.77
C GLY B 10 12.88 6.15 -24.66
N LYS B 11 12.84 7.07 -23.68
CA LYS B 11 13.79 8.20 -23.64
C LYS B 11 14.34 8.37 -22.23
N PHE B 12 15.59 8.82 -22.12
CA PHE B 12 16.19 9.29 -20.86
C PHE B 12 15.77 10.75 -20.68
N LEU B 13 14.95 11.06 -19.68
CA LEU B 13 14.54 12.45 -19.38
C LEU B 13 15.29 12.91 -18.14
N PRO B 14 15.41 14.23 -17.94
CA PRO B 14 15.73 14.76 -16.61
C PRO B 14 14.64 14.25 -15.66
N LEU B 15 15.04 13.74 -14.49
CA LEU B 15 14.13 13.08 -13.52
C LEU B 15 12.92 13.99 -13.26
N GLU B 16 13.15 15.29 -13.06
CA GLU B 16 12.08 16.24 -12.65
C GLU B 16 11.04 16.39 -13.77
N GLU B 17 11.34 16.07 -15.03
CA GLU B 17 10.38 16.25 -16.15
C GLU B 17 9.57 14.99 -16.41
N ALA B 18 9.93 13.84 -15.83
CA ALA B 18 9.25 12.55 -16.13
C ALA B 18 7.89 12.52 -15.40
N LYS B 19 6.85 12.14 -16.13
CA LYS B 19 5.48 12.15 -15.56
C LYS B 19 4.74 10.88 -15.97
N LEU B 20 3.81 10.46 -15.14
CA LEU B 20 2.97 9.28 -15.32
C LEU B 20 1.50 9.70 -15.35
N PRO B 21 0.67 9.10 -16.23
CA PRO B 21 -0.77 9.38 -16.23
C PRO B 21 -1.45 9.02 -14.91
N VAL B 22 -2.35 9.88 -14.41
CA VAL B 22 -3.04 9.67 -13.11
C VAL B 22 -4.03 8.50 -13.25
N THR B 23 -4.31 8.03 -14.47
CA THR B 23 -5.13 6.82 -14.69
C THR B 23 -4.37 5.58 -14.22
N ASP B 24 -3.04 5.65 -14.11
CA ASP B 24 -2.27 4.45 -13.73
C ASP B 24 -2.71 3.98 -12.34
N LEU B 25 -2.97 2.68 -12.19
CA LEU B 25 -3.37 2.09 -10.91
C LEU B 25 -2.19 2.03 -9.92
N ILE B 26 -0.96 2.39 -10.33
CA ILE B 26 0.07 2.60 -9.25
C ILE B 26 -0.34 3.83 -8.41
N ILE B 27 -0.81 4.90 -9.03
CA ILE B 27 -1.29 6.15 -8.37
C ILE B 27 -2.60 5.86 -7.63
N GLN B 28 -3.61 5.33 -8.34
CA GLN B 28 -4.97 5.25 -7.80
C GLN B 28 -5.11 4.13 -6.76
N ARG B 29 -4.37 3.01 -6.89
CA ARG B 29 -4.58 1.83 -6.05
C ARG B 29 -3.26 1.21 -5.57
N GLY B 30 -2.13 1.90 -5.66
CA GLY B 30 -0.89 1.37 -5.09
C GLY B 30 -0.38 0.13 -5.83
N VAL B 31 -0.80 -0.08 -7.09
CA VAL B 31 -0.40 -1.29 -7.87
C VAL B 31 0.95 -1.02 -8.57
N GLY B 32 2.00 -1.50 -7.94
CA GLY B 32 3.37 -1.25 -8.41
C GLY B 32 4.37 -2.09 -7.67
N VAL B 33 5.40 -2.46 -8.38
CA VAL B 33 6.57 -3.13 -7.75
C VAL B 33 7.83 -2.42 -8.24
N PHE B 34 8.93 -2.62 -7.54
CA PHE B 34 10.18 -1.96 -7.93
C PHE B 34 11.37 -2.70 -7.35
N GLU B 35 12.54 -2.21 -7.73
CA GLU B 35 13.83 -2.67 -7.22
C GLU B 35 14.65 -1.44 -6.89
N THR B 36 15.58 -1.62 -5.96
CA THR B 36 16.69 -0.69 -5.71
C THR B 36 17.97 -1.43 -6.09
N ILE B 37 18.68 -0.87 -7.05
CA ILE B 37 19.99 -1.39 -7.55
C ILE B 37 21.02 -0.31 -7.28
N SER B 38 22.18 -0.69 -6.74
CA SER B 38 23.24 0.30 -6.51
C SER B 38 24.52 -0.16 -7.21
N THR B 39 25.43 0.80 -7.39
CA THR B 39 26.71 0.52 -8.10
C THR B 39 27.85 0.59 -7.11
N HIS B 40 28.88 -0.21 -7.43
CA HIS B 40 30.23 -0.02 -6.88
C HIS B 40 31.18 0.03 -8.08
N SER B 41 32.04 1.04 -8.14
CA SER B 41 32.98 1.23 -9.28
C SER B 41 32.15 1.34 -10.56
N ARG B 42 30.95 1.93 -10.46
CA ARG B 42 30.00 2.15 -11.55
C ARG B 42 29.49 0.85 -12.15
N ARG B 43 29.63 -0.26 -11.49
CA ARG B 43 29.03 -1.54 -11.96
C ARG B 43 27.82 -1.86 -11.07
N PRO B 44 26.70 -2.34 -11.65
CA PRO B 44 25.54 -2.70 -10.86
C PRO B 44 25.82 -3.98 -10.05
N LEU B 45 25.55 -3.90 -8.75
CA LEU B 45 25.69 -5.01 -7.81
C LEU B 45 24.45 -5.91 -7.91
N MET B 46 24.67 -7.21 -8.09
CA MET B 46 23.57 -8.20 -8.15
C MET B 46 22.50 -7.75 -9.15
N LEU B 47 22.86 -7.24 -10.31
CA LEU B 47 21.91 -6.81 -11.34
C LEU B 47 20.93 -7.95 -11.66
N THR B 48 21.44 -9.15 -11.94
CA THR B 48 20.55 -10.23 -12.46
C THR B 48 19.62 -10.68 -11.33
N PRO B 49 20.12 -10.94 -10.10
CA PRO B 49 19.25 -11.21 -8.97
C PRO B 49 18.16 -10.13 -8.77
N HIS B 50 18.52 -8.86 -8.89
CA HIS B 50 17.50 -7.79 -8.71
C HIS B 50 16.46 -7.89 -9.81
N LEU B 51 16.86 -8.11 -11.07
CA LEU B 51 15.89 -8.11 -12.17
C LEU B 51 15.00 -9.35 -12.08
N LYS B 52 15.55 -10.49 -11.66
CA LYS B 52 14.73 -11.72 -11.42
C LYS B 52 13.73 -11.45 -10.30
N ARG B 53 14.15 -10.74 -9.24
CA ARG B 53 13.24 -10.41 -8.12
C ARG B 53 12.13 -9.48 -8.62
N LEU B 54 12.46 -8.53 -9.50
CA LEU B 54 11.44 -7.60 -10.09
C LEU B 54 10.39 -8.41 -10.82
N GLU B 55 10.81 -9.37 -11.64
CA GLU B 55 9.88 -10.19 -12.42
C GLU B 55 9.02 -11.00 -11.43
N GLY B 56 9.66 -11.56 -10.40
CA GLY B 56 8.95 -12.32 -9.34
C GLY B 56 7.90 -11.45 -8.66
N SER B 57 8.24 -10.20 -8.36
CA SER B 57 7.31 -9.26 -7.70
C SER B 57 6.12 -8.99 -8.62
N ALA B 58 6.41 -8.70 -9.89
CA ALA B 58 5.38 -8.41 -10.90
C ALA B 58 4.41 -9.61 -10.96
N THR B 59 4.97 -10.79 -11.19
CA THR B 59 4.18 -12.04 -11.39
C THR B 59 3.31 -12.32 -10.17
N ALA B 60 3.88 -12.20 -8.97
CA ALA B 60 3.15 -12.39 -7.69
C ALA B 60 2.01 -11.37 -7.56
N SER B 61 2.12 -10.21 -8.23
CA SER B 61 1.16 -9.09 -8.11
C SER B 61 0.20 -9.09 -9.29
N SER B 62 0.24 -10.11 -10.15
CA SER B 62 -0.62 -10.27 -11.34
C SER B 62 -0.33 -9.21 -12.38
N ILE B 63 0.90 -8.66 -12.39
CA ILE B 63 1.31 -7.69 -13.43
C ILE B 63 2.10 -8.45 -14.48
N VAL B 64 1.69 -8.31 -15.74
CA VAL B 64 2.44 -8.81 -16.92
C VAL B 64 3.61 -7.84 -17.19
N MET B 65 4.82 -8.38 -17.21
CA MET B 65 6.03 -7.55 -17.43
C MET B 65 5.87 -6.75 -18.72
N PRO B 66 6.10 -5.43 -18.69
CA PRO B 66 5.97 -4.59 -19.89
C PRO B 66 7.23 -4.52 -20.75
N ALA B 67 8.32 -5.13 -20.28
CA ALA B 67 9.61 -5.22 -20.96
C ALA B 67 10.28 -6.52 -20.55
N THR B 68 11.21 -7.01 -21.37
CA THR B 68 12.02 -8.19 -21.03
C THR B 68 13.05 -7.76 -19.98
N LEU B 69 13.58 -8.70 -19.19
CA LEU B 69 14.72 -8.38 -18.30
C LEU B 69 15.96 -7.96 -19.09
N ASP B 70 16.16 -8.51 -20.29
CA ASP B 70 17.32 -8.10 -21.13
C ASP B 70 17.18 -6.63 -21.49
N GLU B 71 15.99 -6.18 -21.86
CA GLU B 71 15.77 -4.75 -22.20
C GLU B 71 15.98 -3.89 -20.92
N MET B 72 15.50 -4.35 -19.76
CA MET B 72 15.68 -3.53 -18.52
CA MET B 72 15.68 -3.56 -18.51
C MET B 72 17.17 -3.41 -18.22
N ALA B 73 17.93 -4.49 -18.32
CA ALA B 73 19.39 -4.51 -18.08
C ALA B 73 20.10 -3.52 -19.02
N ARG B 74 19.70 -3.47 -20.29
CA ARG B 74 20.31 -2.56 -21.30
C ARG B 74 20.05 -1.11 -20.89
N ILE B 75 18.80 -0.80 -20.51
CA ILE B 75 18.40 0.56 -20.02
C ILE B 75 19.23 0.89 -18.81
N ILE B 76 19.30 -0.03 -17.85
CA ILE B 76 20.04 0.23 -16.58
C ILE B 76 21.51 0.54 -16.88
N ARG B 77 22.16 -0.30 -17.67
CA ARG B 77 23.59 -0.03 -17.98
C ARG B 77 23.77 1.33 -18.68
N GLU B 78 22.95 1.64 -19.67
CA GLU B 78 23.09 2.90 -20.46
C GLU B 78 22.88 4.09 -19.54
N GLY B 79 21.91 4.01 -18.61
CA GLY B 79 21.60 5.06 -17.64
C GLY B 79 22.77 5.29 -16.71
N ILE B 80 23.35 4.22 -16.16
CA ILE B 80 24.52 4.35 -15.25
C ILE B 80 25.66 5.04 -16.01
N LYS B 81 25.91 4.65 -17.26
CA LYS B 81 26.95 5.28 -18.14
C LYS B 81 26.64 6.77 -18.27
N LYS B 82 25.37 7.14 -18.45
CA LYS B 82 24.95 8.56 -18.60
C LYS B 82 25.18 9.33 -17.31
N MET B 83 25.02 8.69 -16.14
CA MET B 83 25.20 9.38 -14.84
C MET B 83 26.68 9.71 -14.64
N GLY B 84 27.60 8.85 -15.07
CA GLY B 84 29.04 9.06 -14.86
C GLY B 84 29.39 9.25 -13.39
N CYS B 85 28.64 8.63 -12.47
CA CYS B 85 28.95 8.60 -11.02
C CYS B 85 28.39 7.31 -10.42
N GLU B 86 28.69 7.01 -9.17
CA GLU B 86 28.04 5.87 -8.45
C GLU B 86 26.55 6.22 -8.40
N THR B 87 25.72 5.24 -8.74
CA THR B 87 24.30 5.45 -9.06
C THR B 87 23.42 4.52 -8.26
N MET B 88 22.27 5.06 -7.83
CA MET B 88 21.14 4.25 -7.34
C MET B 88 20.13 4.22 -8.49
N VAL B 89 19.72 3.02 -8.88
CA VAL B 89 18.82 2.80 -10.04
C VAL B 89 17.54 2.20 -9.47
N LEU B 90 16.40 2.74 -9.86
CA LEU B 90 15.11 2.28 -9.31
C LEU B 90 14.20 1.98 -10.49
N PRO B 91 14.15 0.73 -10.97
CA PRO B 91 13.15 0.36 -11.95
C PRO B 91 11.80 0.13 -11.28
N TYR B 92 10.76 0.71 -11.88
CA TYR B 92 9.35 0.58 -11.45
C TYR B 92 8.53 -0.07 -12.54
N ILE B 93 7.68 -1.01 -12.11
CA ILE B 93 6.66 -1.66 -12.96
C ILE B 93 5.30 -1.26 -12.37
N THR B 94 4.46 -0.63 -13.16
CA THR B 94 3.16 -0.12 -12.71
C THR B 94 2.05 -1.09 -13.11
N GLY B 95 0.90 -0.94 -12.46
CA GLY B 95 -0.32 -1.69 -12.86
C GLY B 95 -0.82 -1.28 -14.23
N GLY B 96 -0.55 -0.04 -14.63
CA GLY B 96 -1.22 0.59 -15.78
C GLY B 96 -2.69 0.83 -15.49
N ASP B 97 -3.47 1.03 -16.53
CA ASP B 97 -4.81 1.68 -16.40
C ASP B 97 -5.89 0.68 -16.03
N SER B 98 -5.69 -0.62 -16.21
CA SER B 98 -6.80 -1.56 -15.94
C SER B 98 -6.35 -2.93 -15.48
N PHE B 99 -7.22 -3.52 -14.67
CA PHE B 99 -7.19 -4.93 -14.24
C PHE B 99 -8.20 -5.67 -15.11
N GLY B 100 -7.74 -6.61 -15.94
CA GLY B 100 -8.57 -7.37 -16.91
C GLY B 100 -9.52 -8.35 -16.22
N LYS B 101 -10.48 -8.89 -17.00
CA LYS B 101 -11.42 -9.95 -16.56
C LYS B 101 -10.60 -11.23 -16.32
N ASP B 102 -9.41 -11.36 -16.92
CA ASP B 102 -8.43 -12.44 -16.60
C ASP B 102 -7.69 -12.18 -15.26
N HIS B 103 -8.02 -11.13 -14.50
CA HIS B 103 -7.40 -10.89 -13.17
C HIS B 103 -5.88 -10.69 -13.34
N LEU B 104 -5.47 -10.07 -14.44
CA LEU B 104 -4.08 -9.60 -14.70
C LEU B 104 -4.07 -8.10 -15.06
N PHE B 105 -2.97 -7.42 -14.75
CA PHE B 105 -2.70 -6.05 -15.22
C PHE B 105 -1.88 -6.23 -16.50
N SER B 106 -2.50 -6.01 -17.65
CA SER B 106 -1.90 -6.29 -18.98
C SER B 106 -1.43 -5.04 -19.70
N SER B 107 -1.68 -3.85 -19.15
CA SER B 107 -1.22 -2.60 -19.80
C SER B 107 -0.25 -1.86 -18.85
N SER B 108 0.60 -2.64 -18.19
CA SER B 108 1.63 -2.17 -17.25
C SER B 108 2.48 -1.09 -17.92
N ARG B 109 2.86 -0.05 -17.16
CA ARG B 109 3.91 0.90 -17.59
C ARG B 109 5.19 0.60 -16.82
N TYR B 110 6.30 1.10 -17.32
CA TYR B 110 7.55 1.05 -16.54
C TYR B 110 8.37 2.30 -16.78
N PHE B 111 9.24 2.55 -15.82
CA PHE B 111 10.22 3.63 -15.89
C PHE B 111 11.38 3.26 -14.99
N VAL B 112 12.52 3.88 -15.18
CA VAL B 112 13.71 3.62 -14.36
C VAL B 112 14.30 4.96 -13.95
N ILE B 113 14.38 5.17 -12.65
CA ILE B 113 14.99 6.36 -12.03
C ILE B 113 16.49 6.11 -11.85
N PHE B 114 17.29 7.10 -12.17
CA PHE B 114 18.75 7.10 -11.90
C PHE B 114 19.10 8.32 -11.06
N GLU B 115 19.64 8.08 -9.87
CA GLU B 115 20.08 9.15 -8.97
C GLU B 115 21.51 8.92 -8.52
N GLU B 116 22.18 10.01 -8.19
CA GLU B 116 23.48 9.86 -7.49
C GLU B 116 23.21 9.10 -6.21
N ILE B 117 24.05 8.12 -5.91
CA ILE B 117 23.80 7.26 -4.72
C ILE B 117 23.92 8.12 -3.46
N ARG B 118 23.10 7.83 -2.45
CA ARG B 118 23.12 8.55 -1.16
C ARG B 118 23.30 7.48 -0.07
N LYS B 119 24.54 7.10 0.26
CA LYS B 119 24.85 6.15 1.37
C LYS B 119 24.45 6.83 2.67
N PRO B 120 24.04 6.10 3.72
CA PRO B 120 23.81 6.75 5.01
C PRO B 120 25.07 7.53 5.45
N ASP B 121 24.92 8.62 6.21
CA ASP B 121 26.02 9.43 6.81
C ASP B 121 27.05 8.50 7.46
N PRO B 122 28.38 8.71 7.28
CA PRO B 122 29.38 7.88 7.96
C PRO B 122 29.21 7.80 9.49
N ILE B 123 28.58 8.79 10.13
CA ILE B 123 28.32 8.78 11.60
C ILE B 123 27.34 7.64 11.93
N LEU B 124 26.42 7.31 11.02
CA LEU B 124 25.40 6.25 11.30
C LEU B 124 26.11 4.91 11.37
N TYR B 125 27.18 4.70 10.60
CA TYR B 125 28.00 3.46 10.67
C TYR B 125 28.85 3.46 11.96
N GLU B 126 29.29 4.64 12.39
CA GLU B 126 30.10 4.80 13.64
C GLU B 126 29.23 4.56 14.88
N LYS B 127 28.06 5.22 14.95
CA LYS B 127 27.16 5.20 16.14
C LYS B 127 26.11 4.08 16.05
N GLY B 128 25.82 3.57 14.85
CA GLY B 128 24.68 2.67 14.59
C GLY B 128 23.37 3.41 14.71
N VAL B 129 22.25 2.76 14.41
CA VAL B 129 20.93 3.46 14.32
C VAL B 129 19.94 2.78 15.24
N ALA B 130 18.79 3.42 15.41
CA ALA B 130 17.66 2.91 16.19
C ALA B 130 16.56 2.45 15.22
N LEU B 131 15.82 1.43 15.62
CA LEU B 131 14.66 0.93 14.88
C LEU B 131 13.42 1.06 15.73
N HIS B 132 12.28 1.29 15.11
CA HIS B 132 10.96 1.40 15.80
C HIS B 132 10.13 0.15 15.52
N PRO B 133 9.90 -0.71 16.52
CA PRO B 133 9.18 -1.97 16.27
C PRO B 133 7.68 -1.69 16.20
N ILE B 134 7.01 -2.35 15.26
CA ILE B 134 5.54 -2.30 15.17
C ILE B 134 4.99 -3.71 15.15
N ASN B 135 3.78 -3.83 15.64
CA ASN B 135 3.08 -5.13 15.72
C ASN B 135 2.26 -5.29 14.42
N ALA B 136 2.92 -5.59 13.30
CA ALA B 136 2.33 -5.59 11.95
C ALA B 136 3.22 -6.47 11.06
N GLU B 137 2.70 -6.96 9.93
CA GLU B 137 3.58 -7.68 8.98
C GLU B 137 3.36 -7.15 7.59
N ARG B 138 4.33 -7.40 6.70
CA ARG B 138 4.16 -7.17 5.25
C ARG B 138 3.38 -8.38 4.76
N TYR B 139 2.21 -8.15 4.21
CA TYR B 139 1.51 -9.18 3.39
C TYR B 139 2.22 -9.26 2.03
N LEU B 140 2.25 -10.45 1.44
CA LEU B 140 2.98 -10.70 0.17
C LEU B 140 4.45 -10.38 0.40
N PRO B 141 5.06 -10.92 1.47
CA PRO B 141 6.40 -10.47 1.87
C PRO B 141 7.52 -10.79 0.86
N SER B 142 7.31 -11.73 -0.04
CA SER B 142 8.35 -12.03 -1.06
C SER B 142 8.29 -10.99 -2.20
N THR B 143 7.24 -10.17 -2.27
CA THR B 143 7.04 -9.10 -3.28
C THR B 143 7.66 -7.77 -2.78
N LYS B 144 8.45 -7.09 -3.62
CA LYS B 144 8.97 -5.76 -3.27
C LYS B 144 8.00 -4.73 -3.86
N SER B 145 6.94 -4.46 -3.13
CA SER B 145 5.86 -3.59 -3.65
C SER B 145 6.18 -2.14 -3.22
N ILE B 146 5.53 -1.17 -3.86
CA ILE B 146 5.73 0.29 -3.60
C ILE B 146 5.05 0.74 -2.30
N ASN B 147 4.27 -0.13 -1.64
CA ASN B 147 3.51 0.31 -0.44
C ASN B 147 4.44 0.48 0.80
N TYR B 148 4.81 1.73 1.12
CA TYR B 148 5.67 2.08 2.28
C TYR B 148 4.96 3.03 3.26
N MET B 149 3.62 3.13 3.20
CA MET B 149 2.92 4.14 4.04
C MET B 149 3.27 3.94 5.53
N LEU B 150 3.19 2.70 6.03
CA LEU B 150 3.44 2.31 7.45
C LEU B 150 4.88 2.69 7.86
N SER B 151 5.82 2.70 6.92
CA SER B 151 7.22 3.09 7.20
C SER B 151 7.31 4.58 7.62
N PHE B 152 6.35 5.44 7.24
CA PHE B 152 6.46 6.89 7.55
C PHE B 152 5.55 7.29 8.74
N THR B 153 4.29 6.86 8.75
CA THR B 153 3.21 7.48 9.57
C THR B 153 3.61 7.62 11.05
N GLY B 160 12.46 9.29 16.40
CA GLY B 160 13.78 8.77 16.78
C GLY B 160 14.41 7.85 15.73
N ALA B 161 13.62 6.99 15.07
CA ALA B 161 14.15 5.74 14.50
C ALA B 161 14.54 5.90 13.02
N TYR B 162 15.63 5.27 12.61
CA TYR B 162 16.06 5.23 11.20
C TYR B 162 15.00 4.54 10.34
N GLU B 163 14.34 3.53 10.91
CA GLU B 163 13.51 2.59 10.11
C GLU B 163 12.57 1.84 11.03
N ILE B 164 11.38 1.48 10.53
CA ILE B 164 10.44 0.61 11.29
C ILE B 164 10.92 -0.84 11.18
N LEU B 165 10.50 -1.63 12.15
CA LEU B 165 10.83 -3.07 12.21
C LEU B 165 9.52 -3.82 12.38
N TYR B 166 9.14 -4.63 11.39
CA TYR B 166 7.92 -5.48 11.46
C TYR B 166 8.16 -6.61 12.47
N CYS B 167 7.46 -6.55 13.60
CA CYS B 167 7.59 -7.49 14.73
C CYS B 167 6.22 -8.08 15.04
N PRO B 168 5.54 -8.75 14.09
CA PRO B 168 4.20 -9.27 14.36
C PRO B 168 4.22 -10.23 15.56
N GLU B 169 3.39 -9.97 16.56
CA GLU B 169 3.27 -10.84 17.76
C GLU B 169 4.65 -10.99 18.43
N GLY B 170 5.54 -10.01 18.31
CA GLY B 170 6.85 -10.00 18.99
C GLY B 170 7.91 -10.80 18.27
N GLU B 171 7.59 -11.29 17.06
CA GLU B 171 8.56 -12.03 16.22
C GLU B 171 9.15 -11.04 15.21
N ILE B 172 10.45 -10.78 15.30
CA ILE B 172 11.10 -9.80 14.40
C ILE B 172 11.17 -10.43 13.01
N VAL B 173 10.60 -9.77 12.02
CA VAL B 173 10.77 -10.25 10.62
C VAL B 173 11.82 -9.40 9.92
N GLU B 174 11.47 -8.17 9.58
CA GLU B 174 12.43 -7.31 8.86
C GLU B 174 12.00 -5.85 8.89
N GLY B 175 12.85 -4.97 8.36
CA GLY B 175 12.53 -3.54 8.28
C GLY B 175 11.71 -3.25 7.04
N SER B 176 11.32 -2.01 6.84
CA SER B 176 10.52 -1.62 5.66
C SER B 176 11.37 -1.71 4.40
N HIS B 177 12.68 -1.40 4.45
CA HIS B 177 13.52 -1.55 3.24
C HIS B 177 14.79 -2.32 3.59
N SER B 178 14.80 -3.11 4.66
CA SER B 178 16.06 -3.75 5.16
C SER B 178 15.79 -5.14 5.71
N THR B 179 16.71 -6.06 5.45
CA THR B 179 16.80 -7.34 6.19
C THR B 179 17.33 -7.06 7.59
N PHE B 180 16.79 -7.78 8.57
CA PHE B 180 17.25 -7.63 9.98
C PHE B 180 18.04 -8.85 10.42
N PHE B 181 19.21 -8.60 11.01
CA PHE B 181 20.09 -9.64 11.60
C PHE B 181 20.29 -9.37 13.08
N LEU B 182 20.13 -10.42 13.91
CA LEU B 182 20.54 -10.37 15.33
C LEU B 182 21.83 -11.18 15.47
N ILE B 183 22.69 -10.76 16.39
CA ILE B 183 23.91 -11.51 16.77
C ILE B 183 23.78 -11.86 18.25
N LYS B 184 23.72 -13.15 18.51
CA LYS B 184 23.51 -13.74 19.87
C LYS B 184 24.49 -14.90 20.00
N ASN B 185 25.45 -14.75 20.90
CA ASN B 185 26.45 -15.81 21.18
C ASN B 185 27.21 -16.19 19.91
N GLY B 186 27.67 -15.19 19.15
CA GLY B 186 28.41 -15.36 17.88
C GLY B 186 27.59 -15.97 16.75
N HIS B 187 26.29 -16.26 16.95
CA HIS B 187 25.40 -16.77 15.89
C HIS B 187 24.73 -15.59 15.18
N LEU B 188 24.54 -15.69 13.86
CA LEU B 188 23.62 -14.81 13.10
C LEU B 188 22.21 -15.40 13.20
N ILE B 189 21.22 -14.58 13.59
CA ILE B 189 19.79 -14.98 13.55
C ILE B 189 19.06 -14.06 12.55
N THR B 190 18.37 -14.63 11.56
CA THR B 190 17.58 -13.80 10.60
C THR B 190 16.34 -14.56 10.17
N ALA B 191 15.24 -13.83 9.97
CA ALA B 191 13.95 -14.42 9.58
C ALA B 191 14.15 -15.23 8.29
N PRO B 192 13.46 -16.38 8.18
CA PRO B 192 13.50 -17.19 6.96
C PRO B 192 12.73 -16.46 5.85
N THR B 193 12.97 -16.83 4.59
CA THR B 193 12.35 -16.17 3.41
C THR B 193 10.88 -16.59 3.24
N SER B 194 10.37 -17.54 4.03
CA SER B 194 8.92 -17.77 4.16
C SER B 194 8.28 -16.53 4.80
N ARG B 195 9.03 -15.72 5.55
CA ARG B 195 8.49 -14.54 6.26
C ARG B 195 9.06 -13.22 5.73
N ALA B 196 10.32 -13.21 5.29
CA ALA B 196 11.06 -11.98 4.92
C ALA B 196 11.35 -11.96 3.43
N LEU B 197 11.50 -10.74 2.89
CA LEU B 197 11.94 -10.58 1.50
C LEU B 197 13.27 -11.31 1.31
N SER B 198 13.45 -11.89 0.15
CA SER B 198 14.74 -12.52 -0.19
C SER B 198 15.76 -11.46 -0.59
N GLY B 199 16.32 -10.79 0.41
CA GLY B 199 17.29 -9.70 0.21
C GLY B 199 18.53 -10.19 -0.55
N THR B 200 19.06 -9.36 -1.46
CA THR B 200 20.32 -9.64 -2.16
C THR B 200 21.48 -9.42 -1.18
N THR B 201 21.45 -8.40 -0.35
CA THR B 201 22.47 -8.15 0.69
C THR B 201 22.43 -9.29 1.71
N ARG B 202 21.22 -9.67 2.13
CA ARG B 202 20.94 -10.86 2.96
C ARG B 202 21.67 -12.07 2.38
N GLN B 203 21.45 -12.38 1.12
CA GLN B 203 22.06 -13.55 0.43
C GLN B 203 23.58 -13.47 0.62
N ILE B 204 24.17 -12.30 0.35
CA ILE B 204 25.65 -12.16 0.36
C ILE B 204 26.18 -12.40 1.77
N VAL B 205 25.53 -11.82 2.76
CA VAL B 205 25.88 -11.98 4.20
C VAL B 205 25.78 -13.46 4.59
N LEU B 206 24.76 -14.20 4.20
CA LEU B 206 24.66 -15.66 4.49
C LEU B 206 25.87 -16.38 3.84
N GLU B 207 26.24 -16.00 2.62
CA GLU B 207 27.42 -16.62 1.92
C GLU B 207 28.69 -16.28 2.71
N LEU B 208 28.88 -15.03 3.12
CA LEU B 208 30.05 -14.62 3.92
C LEU B 208 30.07 -15.36 5.26
N ALA B 209 28.93 -15.50 5.93
CA ALA B 209 28.87 -16.26 7.22
C ALA B 209 29.33 -17.70 6.96
N ARG B 210 28.85 -18.35 5.89
CA ARG B 210 29.21 -19.75 5.54
C ARG B 210 30.75 -19.82 5.35
N ARG B 211 31.36 -18.85 4.66
CA ARG B 211 32.83 -18.73 4.47
C ARG B 211 33.55 -18.51 5.79
N GLY B 212 32.97 -17.75 6.72
CA GLY B 212 33.54 -17.44 8.04
C GLY B 212 33.28 -18.55 9.07
N ASN B 213 32.60 -19.65 8.71
CA ASN B 213 32.06 -20.67 9.65
C ASN B 213 31.29 -19.99 10.78
N ILE B 214 30.48 -18.97 10.45
CA ILE B 214 29.57 -18.32 11.44
C ILE B 214 28.23 -19.03 11.32
N GLN B 215 27.73 -19.63 12.40
CA GLN B 215 26.43 -20.33 12.42
C GLN B 215 25.35 -19.29 12.12
N VAL B 216 24.41 -19.67 11.28
CA VAL B 216 23.23 -18.84 10.94
C VAL B 216 22.02 -19.65 11.34
N GLU B 217 21.11 -19.04 12.11
CA GLU B 217 19.79 -19.62 12.36
C GLU B 217 18.79 -18.77 11.57
N GLU B 218 18.11 -19.41 10.66
CA GLU B 218 17.02 -18.79 9.90
C GLU B 218 15.74 -18.99 10.66
N ARG B 219 15.57 -18.15 11.67
CA ARG B 219 14.33 -18.07 12.44
C ARG B 219 14.14 -16.61 12.80
N CYS B 220 12.90 -16.22 13.05
CA CYS B 220 12.57 -14.85 13.51
C CYS B 220 13.17 -14.66 14.90
N PRO B 221 14.13 -13.72 15.05
CA PRO B 221 14.57 -13.34 16.40
C PRO B 221 13.36 -12.75 17.14
N LEU B 222 13.30 -12.91 18.46
CA LEU B 222 12.16 -12.44 19.30
C LEU B 222 12.55 -11.13 20.00
N LEU B 223 11.59 -10.25 20.20
CA LEU B 223 11.85 -8.99 20.97
C LEU B 223 12.36 -9.36 22.36
N THR B 224 11.87 -10.47 22.91
CA THR B 224 12.19 -10.95 24.28
C THR B 224 13.64 -11.42 24.32
N GLU B 225 14.25 -11.74 23.17
CA GLU B 225 15.68 -12.15 23.09
C GLU B 225 16.63 -10.96 23.06
N LEU B 226 16.14 -9.75 22.83
CA LEU B 226 17.05 -8.61 22.53
C LEU B 226 17.95 -8.31 23.74
N PRO B 227 17.47 -8.38 25.01
CA PRO B 227 18.36 -8.11 26.14
C PRO B 227 19.58 -9.04 26.20
N GLU B 228 19.52 -10.26 25.65
CA GLU B 228 20.65 -11.23 25.68
C GLU B 228 21.45 -11.18 24.36
N ALA B 229 21.15 -10.25 23.47
CA ALA B 229 21.88 -10.07 22.17
C ALA B 229 23.13 -9.21 22.38
N GLU B 230 24.22 -9.55 21.68
CA GLU B 230 25.43 -8.69 21.67
C GLU B 230 25.34 -7.63 20.57
N GLU B 231 24.78 -7.95 19.41
CA GLU B 231 24.80 -6.98 18.26
C GLU B 231 23.55 -7.16 17.37
N ALA B 232 23.36 -6.25 16.42
CA ALA B 232 22.27 -6.28 15.42
C ALA B 232 22.67 -5.38 14.27
N PHE B 233 22.15 -5.66 13.10
CA PHE B 233 22.38 -4.78 11.94
C PHE B 233 21.27 -5.04 10.92
N ILE B 234 21.11 -4.06 10.04
CA ILE B 234 20.18 -4.16 8.89
C ILE B 234 20.98 -4.09 7.59
N THR B 235 20.46 -4.72 6.55
CA THR B 235 21.15 -4.83 5.25
C THR B 235 20.22 -4.35 4.13
N GLY B 236 20.81 -3.82 3.06
CA GLY B 236 20.16 -3.39 1.82
C GLY B 236 21.24 -2.87 0.93
N THR B 237 20.99 -2.81 -0.37
CA THR B 237 22.08 -2.68 -1.36
C THR B 237 22.75 -1.31 -1.19
N VAL B 238 22.01 -0.27 -0.84
CA VAL B 238 22.61 1.08 -0.64
C VAL B 238 23.29 1.16 0.73
N LYS B 239 22.62 0.72 1.80
CA LYS B 239 23.12 0.87 3.19
C LYS B 239 24.19 -0.17 3.53
N GLU B 240 24.33 -1.23 2.75
CA GLU B 240 25.34 -2.31 2.96
C GLU B 240 24.97 -3.03 4.27
N LEU B 241 25.83 -3.00 5.29
CA LEU B 241 25.48 -3.43 6.68
C LEU B 241 25.50 -2.19 7.55
N LEU B 242 24.37 -1.86 8.15
CA LEU B 242 24.22 -0.69 9.04
C LEU B 242 23.93 -1.17 10.45
N PRO B 243 24.85 -0.92 11.41
CA PRO B 243 24.66 -1.38 12.78
C PRO B 243 23.38 -0.83 13.41
N VAL B 244 22.72 -1.67 14.20
CA VAL B 244 21.52 -1.28 14.99
C VAL B 244 21.89 -1.37 16.47
N VAL B 245 21.74 -0.28 17.19
CA VAL B 245 22.22 -0.20 18.60
C VAL B 245 21.02 -0.06 19.53
N ARG B 246 19.82 0.14 19.00
CA ARG B 246 18.61 0.32 19.84
C ARG B 246 17.40 -0.16 19.02
N ILE B 247 16.49 -0.88 19.66
CA ILE B 247 15.18 -1.22 19.06
C ILE B 247 14.10 -0.89 20.09
N GLY B 248 13.27 0.09 19.77
CA GLY B 248 12.27 0.64 20.68
C GLY B 248 13.02 1.26 21.86
N ASP B 249 12.75 0.77 23.07
CA ASP B 249 13.43 1.23 24.30
C ASP B 249 14.58 0.30 24.65
N GLN B 250 14.87 -0.73 23.86
CA GLN B 250 15.90 -1.74 24.23
C GLN B 250 17.24 -1.42 23.56
N ILE B 251 18.27 -1.15 24.35
CA ILE B 251 19.67 -1.06 23.88
C ILE B 251 20.09 -2.43 23.42
N ILE B 252 20.85 -2.52 22.34
CA ILE B 252 21.44 -3.79 21.87
C ILE B 252 22.86 -3.87 22.45
N GLY B 253 23.15 -4.92 23.23
CA GLY B 253 24.49 -5.17 23.84
C GLY B 253 24.94 -3.94 24.61
N ASN B 254 26.14 -3.39 24.36
CA ASN B 254 26.56 -2.16 25.09
C ASN B 254 26.40 -0.91 24.20
N GLY B 255 25.46 -0.92 23.26
CA GLY B 255 24.94 0.31 22.62
C GLY B 255 25.87 0.87 21.56
N VAL B 256 26.89 0.13 21.14
CA VAL B 256 27.76 0.59 20.03
C VAL B 256 27.85 -0.53 19.02
N PRO B 257 28.21 -0.20 17.77
CA PRO B 257 28.43 -1.23 16.77
C PRO B 257 29.40 -2.33 17.23
N GLY B 258 29.07 -3.58 16.97
CA GLY B 258 29.82 -4.73 17.51
C GLY B 258 30.92 -5.22 16.57
N LYS B 259 31.80 -6.06 17.12
CA LYS B 259 32.96 -6.63 16.40
C LYS B 259 32.49 -7.46 15.20
N LEU B 260 31.49 -8.34 15.34
CA LEU B 260 31.12 -9.27 14.23
C LEU B 260 30.49 -8.47 13.08
N THR B 261 29.66 -7.49 13.40
CA THR B 261 29.05 -6.55 12.41
C THR B 261 30.15 -5.83 11.60
N LYS B 262 31.12 -5.20 12.25
CA LYS B 262 32.18 -4.44 11.53
C LYS B 262 33.04 -5.38 10.68
N HIS B 263 33.35 -6.57 11.20
CA HIS B 263 34.08 -7.63 10.44
C HIS B 263 33.27 -8.01 9.20
N LEU B 264 31.95 -8.29 9.33
CA LEU B 264 31.16 -8.74 8.15
C LEU B 264 31.07 -7.57 7.16
N HIS B 265 31.00 -6.35 7.64
CA HIS B 265 30.93 -5.16 6.75
C HIS B 265 32.24 -5.08 5.96
N GLN B 266 33.39 -5.22 6.63
CA GLN B 266 34.72 -5.19 5.97
C GLN B 266 34.79 -6.32 4.95
N VAL B 267 34.38 -7.55 5.31
CA VAL B 267 34.47 -8.70 4.37
C VAL B 267 33.53 -8.41 3.18
N TYR B 268 32.34 -7.87 3.46
CA TYR B 268 31.34 -7.53 2.41
C TYR B 268 32.03 -6.65 1.34
N LEU B 269 32.61 -5.54 1.77
CA LEU B 269 33.25 -4.52 0.88
C LEU B 269 34.45 -5.11 0.14
N SER B 270 35.23 -5.96 0.80
CA SER B 270 36.40 -6.63 0.17
C SER B 270 35.94 -7.67 -0.85
N SER B 271 34.75 -8.25 -0.70
CA SER B 271 34.33 -9.41 -1.52
C SER B 271 33.35 -9.01 -2.63
N ILE B 272 32.83 -7.79 -2.57
CA ILE B 272 31.63 -7.40 -3.34
C ILE B 272 31.91 -7.52 -4.84
N VAL B 273 33.17 -7.41 -5.29
CA VAL B 273 33.56 -7.52 -6.73
C VAL B 273 32.93 -8.75 -7.36
N GLU B 274 32.89 -9.85 -6.59
CA GLU B 274 32.42 -11.15 -7.09
C GLU B 274 30.97 -11.01 -7.57
N TRP B 275 30.17 -10.07 -7.04
CA TRP B 275 28.73 -10.00 -7.41
C TRP B 275 28.42 -8.79 -8.31
N LEU B 276 29.43 -8.04 -8.73
CA LEU B 276 29.26 -6.88 -9.63
C LEU B 276 29.03 -7.41 -11.03
N GLU B 277 28.14 -6.78 -11.78
CA GLU B 277 27.87 -7.20 -13.17
C GLU B 277 28.28 -6.06 -14.12
N1 PLP C . -14.33 0.63 3.64
C2 PLP C . -13.15 0.95 3.18
C2A PLP C . -11.94 0.20 3.67
C3 PLP C . -13.00 1.98 2.27
O3 PLP C . -11.78 2.27 1.84
C4 PLP C . -14.13 2.69 1.82
C4A PLP C . -13.87 3.83 0.98
C5 PLP C . -15.39 2.33 2.36
C6 PLP C . -15.43 1.30 3.25
C5A PLP C . -16.67 2.95 1.94
O4P PLP C . -16.78 4.32 2.40
P PLP C . -18.01 5.19 2.04
O1P PLP C . -18.00 5.35 0.52
O2P PLP C . -17.73 6.48 2.74
O3P PLP C . -19.33 4.54 2.53
N1 PLP D . 13.64 -5.89 2.96
C2 PLP D . 12.64 -5.25 2.35
C2A PLP D . 11.25 -5.38 2.89
C3 PLP D . 12.84 -4.55 1.17
O3 PLP D . 11.79 -3.95 0.55
C4 PLP D . 14.16 -4.49 0.63
C4A PLP D . 14.33 -3.77 -0.63
C5 PLP D . 15.22 -5.07 1.38
C6 PLP D . 14.90 -5.81 2.49
C5A PLP D . 16.66 -5.04 0.90
O4P PLP D . 16.90 -5.92 -0.25
P PLP D . 18.37 -5.74 -0.91
O1P PLP D . 18.16 -6.66 -2.10
O2P PLP D . 18.58 -4.24 -1.30
O3P PLP D . 19.39 -6.18 0.18
C1 PEG E . 2.64 -1.27 18.18
O1 PEG E . 2.39 -1.48 16.78
C2 PEG E . 4.10 -1.48 18.57
O2 PEG E . 4.32 -2.85 18.90
C3 PEG E . 5.65 -3.19 19.28
C4 PEG E . 6.05 -4.49 18.64
O4 PEG E . 5.22 -5.62 18.99
#